data_4Y89
#
_entry.id   4Y89
#
_cell.length_a   32.623
_cell.length_b   64.886
_cell.length_c   103.164
_cell.angle_alpha   90.000
_cell.angle_beta   89.990
_cell.angle_gamma   90.000
#
_symmetry.space_group_name_H-M   'P 1 21 1'
#
loop_
_entity.id
_entity.type
_entity.pdbx_description
1 polymer 'Carcinoembryonic antigen-related cell adhesion molecule 7'
2 non-polymer 'CHLORIDE ION'
3 water water
#
_entity_poly.entity_id   1
_entity_poly.type   'polypeptide(L)'
_entity_poly.pdbx_seq_one_letter_code
;AQTNIDVVPFNVAEGKEVLLVVHNESQNLYGYNWYKGERVHANYRIIGYVKNISQENAPGPAHNGRETIYPNGTLLIQNV
THNDAGIYTLHVIKENLVNEEVTRQFYVF
;
_entity_poly.pdbx_strand_id   A,B,C,D
#
loop_
_chem_comp.id
_chem_comp.type
_chem_comp.name
_chem_comp.formula
CL non-polymer 'CHLORIDE ION' 'Cl -1'
#
# COMPACT_ATOMS: atom_id res chain seq x y z
N ALA A 1 2.95 14.99 6.17
CA ALA A 1 3.49 13.62 6.36
C ALA A 1 3.80 13.00 5.01
N GLN A 2 4.83 12.16 5.01
CA GLN A 2 5.12 11.35 3.85
C GLN A 2 4.26 10.10 3.76
N THR A 3 3.84 9.56 4.92
CA THR A 3 3.10 8.33 4.93
C THR A 3 1.68 8.51 4.40
N ASN A 4 1.32 7.64 3.47
CA ASN A 4 -0.07 7.58 3.05
C ASN A 4 -0.75 6.36 3.60
N ILE A 5 -2.03 6.47 3.96
CA ILE A 5 -2.80 5.33 4.41
C ILE A 5 -4.11 5.31 3.66
N ASP A 6 -4.46 4.13 3.18
CA ASP A 6 -5.63 3.86 2.37
C ASP A 6 -6.41 2.78 3.13
N VAL A 7 -7.56 3.16 3.65
CA VAL A 7 -8.35 2.17 4.43
C VAL A 7 -9.33 1.56 3.46
N VAL A 8 -9.25 0.23 3.34
CA VAL A 8 -10.10 -0.47 2.40
C VAL A 8 -10.76 -1.72 3.01
N PRO A 9 -12.08 -1.90 2.79
CA PRO A 9 -13.01 -0.87 2.27
C PRO A 9 -13.28 0.17 3.39
N PHE A 10 -13.78 1.34 3.04
CA PHE A 10 -14.14 2.38 4.02
C PHE A 10 -15.31 1.96 4.91
N ASN A 11 -16.31 1.31 4.32
CA ASN A 11 -17.43 0.72 5.04
C ASN A 11 -17.33 -0.76 4.90
N VAL A 12 -17.21 -1.43 6.02
CA VAL A 12 -16.90 -2.85 6.10
C VAL A 12 -18.08 -3.59 6.60
N ALA A 13 -18.43 -4.71 6.00
CA ALA A 13 -19.53 -5.53 6.56
C ALA A 13 -19.09 -6.21 7.88
N GLU A 14 -20.01 -6.32 8.83
CA GLU A 14 -19.70 -7.06 10.09
C GLU A 14 -19.22 -8.48 9.73
N GLY A 15 -18.15 -8.94 10.38
CA GLY A 15 -17.59 -10.29 10.14
C GLY A 15 -16.50 -10.35 9.06
N LYS A 16 -16.33 -9.28 8.30
CA LYS A 16 -15.35 -9.23 7.24
C LYS A 16 -14.02 -8.63 7.71
N GLU A 17 -13.11 -8.39 6.79
CA GLU A 17 -11.75 -7.99 7.09
C GLU A 17 -11.53 -6.59 6.55
N VAL A 18 -10.81 -5.74 7.29
CA VAL A 18 -10.46 -4.38 6.90
C VAL A 18 -8.94 -4.26 6.91
N LEU A 19 -8.39 -3.55 5.88
CA LEU A 19 -7.04 -3.27 5.84
C LEU A 19 -6.82 -1.80 5.92
N LEU A 20 -5.88 -1.41 6.76
CA LEU A 20 -5.41 -0.03 6.80
C LEU A 20 -4.02 -0.09 6.21
N VAL A 21 -3.97 0.24 4.90
CA VAL A 21 -2.77 -0.04 4.09
C VAL A 21 -1.83 1.16 4.17
N VAL A 22 -0.60 0.93 4.58
CA VAL A 22 0.33 1.96 4.80
C VAL A 22 1.34 1.94 3.59
N HIS A 23 1.59 3.16 3.10
CA HIS A 23 2.54 3.30 1.95
C HIS A 23 3.56 4.32 2.47
N ASN A 24 4.73 3.85 2.83
CA ASN A 24 5.86 4.70 3.12
C ASN A 24 7.13 3.93 2.81
N GLU A 25 7.83 4.42 1.82
CA GLU A 25 8.97 3.68 1.26
C GLU A 25 10.31 4.07 1.88
N SER A 26 10.25 4.96 2.86
CA SER A 26 11.45 5.49 3.44
C SER A 26 12.34 4.40 4.02
N GLN A 27 13.64 4.63 3.87
CA GLN A 27 14.67 3.66 4.29
C GLN A 27 15.17 3.95 5.71
N ASN A 28 14.57 4.90 6.41
CA ASN A 28 15.06 5.31 7.72
C ASN A 28 13.97 5.16 8.77
N LEU A 29 13.08 4.19 8.61
CA LEU A 29 12.02 3.98 9.62
C LEU A 29 12.54 3.05 10.72
N TYR A 30 12.18 3.40 11.94
CA TYR A 30 12.47 2.55 13.09
C TYR A 30 11.32 1.55 13.37
N GLY A 31 10.10 2.07 13.32
CA GLY A 31 8.93 1.28 13.49
C GLY A 31 7.65 2.07 13.51
N TYR A 32 6.62 1.38 14.04
CA TYR A 32 5.24 1.87 13.97
C TYR A 32 4.51 1.53 15.28
N ASN A 33 3.55 2.38 15.60
CA ASN A 33 2.46 2.02 16.53
C ASN A 33 1.12 2.52 16.04
N TRP A 34 0.08 1.69 16.18
CA TRP A 34 -1.25 2.06 15.88
C TRP A 34 -1.99 2.32 17.23
N TYR A 35 -2.84 3.29 17.14
CA TYR A 35 -3.75 3.71 18.28
C TYR A 35 -5.18 3.75 17.78
N LYS A 36 -6.14 3.49 18.69
CA LYS A 36 -7.49 3.75 18.43
C LYS A 36 -7.75 5.19 18.90
N GLY A 37 -8.47 5.96 18.11
CA GLY A 37 -8.73 7.37 18.32
C GLY A 37 -7.80 8.26 17.59
N GLU A 38 -7.86 9.54 17.92
CA GLU A 38 -7.05 10.59 17.28
C GLU A 38 -5.70 10.89 17.92
N ARG A 39 -5.43 10.25 19.07
CA ARG A 39 -4.31 10.62 19.95
C ARG A 39 -3.27 9.50 20.06
N VAL A 40 -2.01 9.88 19.89
CA VAL A 40 -0.88 9.08 20.27
C VAL A 40 -0.70 9.13 21.82
N HIS A 41 -1.20 8.08 22.41
CA HIS A 41 -1.03 7.93 23.86
C HIS A 41 -1.15 6.45 24.19
N ALA A 42 -0.30 6.06 25.16
CA ALA A 42 -0.18 4.69 25.54
C ALA A 42 -1.52 4.04 25.87
N ASN A 43 -2.43 4.78 26.51
CA ASN A 43 -3.69 4.20 26.93
C ASN A 43 -4.60 3.76 25.82
N TYR A 44 -4.28 4.21 24.55
CA TYR A 44 -5.12 3.96 23.38
C TYR A 44 -4.33 3.10 22.37
N ARG A 45 -3.16 2.66 22.75
CA ARG A 45 -2.27 1.83 21.82
C ARG A 45 -2.86 0.48 21.55
N ILE A 46 -2.82 0.09 20.24
CA ILE A 46 -3.31 -1.16 19.83
C ILE A 46 -2.15 -2.19 19.76
N ILE A 47 -1.19 -1.90 18.86
CA ILE A 47 -0.08 -2.76 18.54
C ILE A 47 0.97 -1.95 17.79
N GLY A 48 2.22 -2.38 17.87
CA GLY A 48 3.28 -1.77 17.08
C GLY A 48 4.28 -2.81 16.58
N TYR A 49 5.28 -2.31 15.83
CA TYR A 49 6.23 -3.17 15.18
C TYR A 49 7.58 -2.47 15.09
N VAL A 50 8.59 -3.27 15.45
CA VAL A 50 9.97 -2.81 15.43
C VAL A 50 10.71 -3.42 14.25
N LYS A 51 11.11 -2.56 13.31
CA LYS A 51 11.62 -3.06 12.01
C LYS A 51 12.91 -3.85 12.09
N ASN A 52 13.87 -3.37 12.89
CA ASN A 52 15.19 -4.05 12.93
C ASN A 52 15.20 -5.44 13.58
N ILE A 53 14.23 -5.72 14.44
CA ILE A 53 14.03 -7.02 15.04
C ILE A 53 13.01 -7.82 14.24
N SER A 54 12.33 -7.20 13.26
CA SER A 54 11.19 -7.85 12.58
C SER A 54 10.16 -8.46 13.54
N GLN A 55 9.75 -7.70 14.54
CA GLN A 55 8.81 -8.24 15.49
C GLN A 55 7.79 -7.22 15.92
N GLU A 56 6.55 -7.69 16.15
CA GLU A 56 5.51 -6.98 16.85
C GLU A 56 5.96 -6.75 18.32
N ASN A 57 5.52 -5.65 18.91
CA ASN A 57 5.71 -5.48 20.36
C ASN A 57 4.45 -5.98 21.12
N ALA A 58 4.42 -5.79 22.41
CA ALA A 58 3.29 -6.26 23.22
C ALA A 58 1.97 -5.63 22.78
N PRO A 59 0.86 -6.37 22.88
CA PRO A 59 -0.44 -5.75 22.60
C PRO A 59 -0.75 -4.63 23.60
N GLY A 60 -1.28 -3.55 23.10
CA GLY A 60 -1.59 -2.41 23.88
C GLY A 60 -3.01 -2.48 24.44
N PRO A 61 -3.33 -1.52 25.30
CA PRO A 61 -4.64 -1.60 26.01
C PRO A 61 -5.83 -1.59 25.11
N ALA A 62 -5.68 -0.99 23.90
CA ALA A 62 -6.80 -0.91 23.00
C ALA A 62 -6.94 -2.12 22.00
N HIS A 63 -6.05 -3.11 22.13
CA HIS A 63 -6.09 -4.25 21.23
CA HIS A 63 -6.03 -4.34 21.27
C HIS A 63 -7.34 -5.13 21.46
N ASN A 64 -7.97 -5.56 20.38
CA ASN A 64 -9.17 -6.43 20.35
C ASN A 64 -8.86 -7.95 20.15
N GLY A 65 -7.60 -8.28 19.85
CA GLY A 65 -7.23 -9.63 19.62
C GLY A 65 -7.32 -10.11 18.21
N ARG A 66 -7.83 -9.26 17.33
CA ARG A 66 -8.08 -9.64 15.94
C ARG A 66 -7.21 -8.85 14.99
N GLU A 67 -6.24 -8.09 15.50
CA GLU A 67 -5.38 -7.26 14.65
C GLU A 67 -4.13 -8.03 14.32
N THR A 68 -3.58 -7.68 13.18
CA THR A 68 -2.27 -8.13 12.81
C THR A 68 -1.58 -6.93 12.18
N ILE A 69 -0.39 -6.66 12.62
CA ILE A 69 0.45 -5.65 11.99
C ILE A 69 1.58 -6.28 11.19
N TYR A 70 1.81 -5.62 10.04
CA TYR A 70 2.79 -6.12 9.06
C TYR A 70 4.04 -5.25 9.05
N PRO A 71 5.13 -5.78 8.42
CA PRO A 71 6.38 -5.05 8.48
C PRO A 71 6.42 -3.70 7.79
N ASN A 72 5.47 -3.42 6.90
CA ASN A 72 5.37 -2.10 6.28
C ASN A 72 4.38 -1.18 7.02
N GLY A 73 3.93 -1.65 8.21
CA GLY A 73 3.01 -0.89 9.03
C GLY A 73 1.54 -1.15 8.81
N THR A 74 1.16 -1.85 7.77
CA THR A 74 -0.20 -2.07 7.44
C THR A 74 -0.88 -2.88 8.64
N LEU A 75 -2.14 -2.50 8.91
CA LEU A 75 -2.94 -3.18 9.98
C LEU A 75 -4.09 -3.91 9.32
N LEU A 76 -4.21 -5.19 9.63
CA LEU A 76 -5.33 -6.01 9.27
C LEU A 76 -6.24 -6.16 10.49
N ILE A 77 -7.52 -6.04 10.33
CA ILE A 77 -8.49 -6.44 11.42
C ILE A 77 -9.45 -7.45 10.85
N GLN A 78 -9.39 -8.64 11.42
CA GLN A 78 -10.23 -9.73 10.99
C GLN A 78 -11.51 -9.79 11.78
N ASN A 79 -12.56 -10.35 11.15
CA ASN A 79 -13.82 -10.57 11.77
C ASN A 79 -14.35 -9.29 12.47
N VAL A 80 -14.39 -8.19 11.77
CA VAL A 80 -14.77 -6.90 12.34
C VAL A 80 -16.11 -6.93 13.05
N THR A 81 -16.10 -6.19 14.14
CA THR A 81 -17.32 -5.89 14.86
C THR A 81 -17.72 -4.42 14.81
N HIS A 82 -18.96 -4.11 15.20
CA HIS A 82 -19.38 -2.73 15.26
C HIS A 82 -18.47 -1.86 16.16
N ASN A 83 -17.98 -2.43 17.25
CA ASN A 83 -17.07 -1.66 18.09
C ASN A 83 -15.72 -1.32 17.55
N ASP A 84 -15.37 -1.96 16.43
CA ASP A 84 -14.11 -1.64 15.80
C ASP A 84 -14.16 -0.34 14.97
N ALA A 85 -15.39 0.10 14.64
CA ALA A 85 -15.60 1.28 13.86
C ALA A 85 -14.99 2.49 14.56
N GLY A 86 -14.55 3.45 13.78
CA GLY A 86 -14.06 4.72 14.19
C GLY A 86 -12.71 5.08 13.68
N ILE A 87 -11.95 5.75 14.52
CA ILE A 87 -10.79 6.53 14.19
C ILE A 87 -9.55 5.78 14.62
N TYR A 88 -8.52 5.76 13.73
CA TYR A 88 -7.30 5.05 13.93
C TYR A 88 -6.16 5.96 13.61
N THR A 89 -5.14 5.92 14.42
CA THR A 89 -3.98 6.75 14.30
C THR A 89 -2.70 5.93 14.30
N LEU A 90 -1.87 6.15 13.21
CA LEU A 90 -0.58 5.54 13.08
C LEU A 90 0.50 6.49 13.45
N HIS A 91 1.39 6.09 14.34
CA HIS A 91 2.62 6.81 14.63
C HIS A 91 3.76 6.07 13.95
N VAL A 92 4.41 6.84 13.03
CA VAL A 92 5.59 6.35 12.33
C VAL A 92 6.78 6.91 13.05
N ILE A 93 7.59 6.01 13.55
CA ILE A 93 8.75 6.36 14.31
C ILE A 93 9.94 6.22 13.34
N LYS A 94 10.60 7.34 13.11
CA LYS A 94 11.81 7.32 12.23
C LYS A 94 13.04 7.16 13.06
N GLU A 95 14.13 6.64 12.51
CA GLU A 95 15.41 6.53 13.19
C GLU A 95 15.93 7.85 13.79
N ASN A 96 15.62 8.98 13.16
CA ASN A 96 16.01 10.31 13.66
C ASN A 96 14.99 10.97 14.57
N LEU A 97 13.93 10.19 14.85
CA LEU A 97 12.85 10.62 15.72
C LEU A 97 12.09 11.81 15.20
N VAL A 98 12.23 12.18 13.95
CA VAL A 98 11.35 13.17 13.37
C VAL A 98 10.10 12.46 12.88
N ASN A 99 9.18 12.24 13.76
CA ASN A 99 8.12 11.30 13.61
C ASN A 99 6.88 11.94 12.92
N GLU A 100 5.94 11.10 12.54
CA GLU A 100 4.70 11.62 11.97
C GLU A 100 3.51 10.77 12.45
N GLU A 101 2.35 11.44 12.46
CA GLU A 101 1.09 10.90 12.88
C GLU A 101 0.11 11.04 11.72
N VAL A 102 -0.58 9.94 11.38
CA VAL A 102 -1.55 9.95 10.31
C VAL A 102 -2.83 9.28 10.87
N THR A 103 -3.96 9.93 10.67
CA THR A 103 -5.23 9.48 11.25
C THR A 103 -6.22 9.16 10.07
N ARG A 104 -6.88 7.99 10.15
CA ARG A 104 -7.92 7.58 9.27
C ARG A 104 -9.10 7.04 10.00
N GLN A 105 -10.11 6.55 9.33
CA GLN A 105 -11.34 6.04 9.94
C GLN A 105 -11.97 5.03 9.08
N PHE A 106 -12.73 4.15 9.60
CA PHE A 106 -13.62 3.26 8.84
C PHE A 106 -14.88 2.97 9.66
N TYR A 107 -15.89 2.46 9.04
CA TYR A 107 -17.15 2.17 9.73
C TYR A 107 -17.65 0.76 9.34
N VAL A 108 -18.59 0.22 10.10
CA VAL A 108 -19.00 -1.12 10.00
C VAL A 108 -20.50 -1.16 9.91
N PHE A 109 -21.02 -1.90 8.92
CA PHE A 109 -22.45 -2.02 8.71
C PHE A 109 -22.94 -3.48 8.85
N ALA B 1 6.08 -0.37 -15.41
CA ALA B 1 4.76 -0.42 -14.70
C ALA B 1 4.76 0.66 -13.67
N GLN B 2 3.59 1.32 -13.50
CA GLN B 2 3.40 2.23 -12.41
C GLN B 2 3.06 1.52 -11.14
N THR B 3 2.39 0.39 -11.22
CA THR B 3 1.94 -0.35 -10.02
C THR B 3 3.11 -0.94 -9.25
N ASN B 4 3.11 -0.68 -7.94
CA ASN B 4 4.05 -1.31 -7.05
C ASN B 4 3.31 -2.35 -6.20
N ILE B 5 3.97 -3.44 -5.91
CA ILE B 5 3.42 -4.46 -5.02
C ILE B 5 4.42 -4.85 -4.01
N ASP B 6 3.97 -4.85 -2.75
CA ASP B 6 4.78 -5.18 -1.61
C ASP B 6 4.13 -6.38 -0.96
N VAL B 7 4.81 -7.52 -0.98
CA VAL B 7 4.25 -8.74 -0.36
C VAL B 7 4.82 -8.89 1.03
N VAL B 8 3.88 -8.86 1.99
CA VAL B 8 4.28 -8.91 3.39
C VAL B 8 3.48 -9.96 4.16
N PRO B 9 4.20 -10.71 5.03
CA PRO B 9 5.65 -10.92 5.02
C PRO B 9 6.05 -11.76 3.78
N PHE B 10 7.31 -11.69 3.42
CA PHE B 10 7.80 -12.51 2.26
C PHE B 10 7.78 -14.02 2.52
N ASN B 11 8.15 -14.40 3.76
CA ASN B 11 8.08 -15.75 4.25
C ASN B 11 6.99 -15.82 5.33
N VAL B 12 5.95 -16.62 5.11
CA VAL B 12 4.71 -16.58 5.91
C VAL B 12 4.63 -17.88 6.70
N ALA B 13 4.35 -17.82 7.98
CA ALA B 13 4.14 -19.03 8.71
C ALA B 13 2.84 -19.69 8.28
N GLU B 14 2.86 -21.00 8.17
CA GLU B 14 1.65 -21.78 7.90
C GLU B 14 0.53 -21.37 8.88
N GLY B 15 -0.65 -21.14 8.34
CA GLY B 15 -1.84 -20.79 9.10
C GLY B 15 -2.03 -19.29 9.31
N LYS B 16 -1.05 -18.47 8.93
CA LYS B 16 -1.13 -17.03 9.12
C LYS B 16 -1.60 -16.32 7.80
N GLU B 17 -1.55 -15.00 7.76
CA GLU B 17 -2.16 -14.21 6.70
C GLU B 17 -1.05 -13.50 5.96
N VAL B 18 -1.18 -13.46 4.63
CA VAL B 18 -0.22 -12.73 3.78
C VAL B 18 -0.98 -11.67 2.98
N LEU B 19 -0.35 -10.50 2.80
CA LEU B 19 -0.93 -9.44 2.03
C LEU B 19 -0.01 -9.18 0.84
N LEU B 20 -0.67 -9.08 -0.31
CA LEU B 20 -0.01 -8.61 -1.54
C LEU B 20 -0.57 -7.22 -1.74
N VAL B 21 0.16 -6.24 -1.23
CA VAL B 21 -0.31 -4.87 -1.11
C VAL B 21 0.01 -4.12 -2.42
N VAL B 22 -1.02 -3.55 -2.99
CA VAL B 22 -0.98 -2.87 -4.29
C VAL B 22 -0.95 -1.39 -4.09
N HIS B 23 -0.02 -0.71 -4.77
CA HIS B 23 0.05 0.73 -4.71
C HIS B 23 -0.04 1.24 -6.12
N ASN B 24 -1.19 1.73 -6.48
CA ASN B 24 -1.38 2.45 -7.73
C ASN B 24 -2.46 3.51 -7.50
N GLU B 25 -2.11 4.77 -7.62
CA GLU B 25 -3.08 5.84 -7.27
C GLU B 25 -3.83 6.43 -8.51
N SER B 26 -3.66 5.80 -9.68
CA SER B 26 -4.27 6.20 -10.98
C SER B 26 -5.73 6.32 -10.78
N GLN B 27 -6.25 7.34 -11.45
CA GLN B 27 -7.68 7.69 -11.46
C GLN B 27 -8.34 7.07 -12.69
N ASN B 28 -7.54 6.37 -13.50
CA ASN B 28 -8.10 5.79 -14.71
C ASN B 28 -8.03 4.28 -14.74
N LEU B 29 -8.15 3.64 -13.56
CA LEU B 29 -8.21 2.18 -13.49
C LEU B 29 -9.61 1.64 -13.70
N TYR B 30 -9.72 0.59 -14.50
CA TYR B 30 -10.97 -0.13 -14.67
C TYR B 30 -11.12 -1.27 -13.62
N GLY B 31 -10.05 -1.98 -13.40
CA GLY B 31 -10.05 -3.10 -12.45
C GLY B 31 -8.81 -3.93 -12.45
N TYR B 32 -8.91 -5.11 -11.80
CA TYR B 32 -7.78 -5.95 -11.51
C TYR B 32 -8.13 -7.40 -11.66
N ASN B 33 -7.11 -8.21 -12.02
CA ASN B 33 -7.20 -9.61 -11.87
C ASN B 33 -5.92 -10.14 -11.36
N TRP B 34 -6.02 -11.09 -10.40
CA TRP B 34 -4.88 -11.79 -9.92
C TRP B 34 -4.80 -13.19 -10.46
N TYR B 35 -3.58 -13.66 -10.70
CA TYR B 35 -3.34 -15.00 -11.21
C TYR B 35 -2.28 -15.72 -10.39
N LYS B 36 -2.35 -17.03 -10.34
CA LYS B 36 -1.30 -17.83 -9.72
C LYS B 36 -0.32 -18.17 -10.89
N GLY B 37 0.93 -17.91 -10.67
CA GLY B 37 1.97 -18.13 -11.67
C GLY B 37 2.41 -16.83 -12.27
N GLU B 38 3.20 -17.00 -13.35
CA GLU B 38 3.85 -15.85 -14.07
C GLU B 38 3.00 -15.31 -15.23
N ARG B 39 1.88 -15.98 -15.52
CA ARG B 39 1.16 -15.75 -16.74
C ARG B 39 -0.28 -15.25 -16.53
N VAL B 40 -0.66 -14.24 -17.35
CA VAL B 40 -2.03 -13.79 -17.46
C VAL B 40 -2.79 -14.71 -18.40
N HIS B 41 -3.49 -15.69 -17.88
CA HIS B 41 -4.29 -16.59 -18.61
C HIS B 41 -5.43 -17.05 -17.78
N ALA B 42 -6.59 -17.20 -18.37
CA ALA B 42 -7.81 -17.53 -17.64
C ALA B 42 -7.70 -18.78 -16.77
N ASN B 43 -6.93 -19.77 -17.20
CA ASN B 43 -6.82 -21.06 -16.52
C ASN B 43 -6.16 -20.90 -15.17
N TYR B 44 -5.48 -19.78 -14.97
CA TYR B 44 -4.68 -19.56 -13.77
C TYR B 44 -5.26 -18.40 -12.85
N ARG B 45 -6.42 -17.86 -13.22
CA ARG B 45 -7.01 -16.67 -12.57
C ARG B 45 -7.53 -17.11 -11.14
N ILE B 46 -7.25 -16.17 -10.25
CA ILE B 46 -7.67 -16.37 -8.80
C ILE B 46 -9.00 -15.64 -8.64
N ILE B 47 -8.97 -14.34 -8.88
CA ILE B 47 -10.06 -13.41 -8.55
C ILE B 47 -9.74 -12.04 -9.08
N GLY B 48 -10.78 -11.29 -9.42
CA GLY B 48 -10.59 -9.90 -9.68
C GLY B 48 -11.66 -8.99 -9.19
N TYR B 49 -11.58 -7.72 -9.63
CA TYR B 49 -12.40 -6.65 -9.07
C TYR B 49 -12.62 -5.59 -10.12
N VAL B 50 -13.90 -5.20 -10.22
CA VAL B 50 -14.33 -4.15 -11.18
C VAL B 50 -14.66 -2.90 -10.39
N LYS B 51 -13.89 -1.84 -10.60
CA LYS B 51 -13.99 -0.66 -9.74
C LYS B 51 -15.32 0.06 -9.82
N ASN B 52 -15.76 0.32 -11.05
CA ASN B 52 -17.01 1.06 -11.29
C ASN B 52 -18.23 0.50 -10.60
N ILE B 53 -18.25 -0.80 -10.36
CA ILE B 53 -19.37 -1.49 -9.72
C ILE B 53 -19.05 -1.86 -8.26
N SER B 54 -17.84 -1.54 -7.83
CA SER B 54 -17.32 -1.97 -6.54
C SER B 54 -17.65 -3.40 -6.18
N GLN B 55 -17.27 -4.35 -7.05
CA GLN B 55 -17.59 -5.74 -6.84
C GLN B 55 -16.49 -6.60 -7.30
N GLU B 56 -16.20 -7.64 -6.54
CA GLU B 56 -15.39 -8.74 -7.05
C GLU B 56 -16.14 -9.50 -8.21
N ASN B 57 -15.37 -10.05 -9.15
CA ASN B 57 -15.99 -10.93 -10.14
C ASN B 57 -15.97 -12.40 -9.62
N ALA B 58 -16.38 -13.33 -10.48
CA ALA B 58 -16.45 -14.74 -10.14
C ALA B 58 -15.09 -15.32 -9.74
N PRO B 59 -15.07 -16.27 -8.78
CA PRO B 59 -13.78 -16.97 -8.52
C PRO B 59 -13.24 -17.67 -9.75
N GLY B 60 -11.93 -17.54 -9.93
CA GLY B 60 -11.25 -18.14 -11.00
C GLY B 60 -10.83 -19.56 -10.67
N PRO B 61 -10.32 -20.32 -11.67
CA PRO B 61 -9.98 -21.73 -11.47
C PRO B 61 -8.87 -21.98 -10.48
N ALA B 62 -8.03 -20.97 -10.27
CA ALA B 62 -6.93 -21.02 -9.28
C ALA B 62 -7.26 -20.54 -7.85
N HIS B 63 -8.50 -20.12 -7.65
CA HIS B 63 -8.92 -19.70 -6.32
C HIS B 63 -8.91 -20.87 -5.31
N ASN B 64 -8.53 -20.54 -4.08
CA ASN B 64 -8.43 -21.52 -2.98
C ASN B 64 -9.51 -21.35 -1.89
N GLY B 65 -10.34 -20.31 -2.04
CA GLY B 65 -11.43 -20.03 -1.15
C GLY B 65 -11.06 -19.14 0.00
N ARG B 66 -9.78 -18.84 0.16
CA ARG B 66 -9.22 -18.10 1.27
C ARG B 66 -8.71 -16.68 0.90
N GLU B 67 -8.97 -16.27 -0.34
CA GLU B 67 -8.51 -14.97 -0.83
C GLU B 67 -9.61 -13.94 -0.71
N THR B 68 -9.19 -12.70 -0.54
CA THR B 68 -10.05 -11.52 -0.54
C THR B 68 -9.31 -10.46 -1.35
N ILE B 69 -9.99 -9.95 -2.35
CA ILE B 69 -9.45 -8.84 -3.11
C ILE B 69 -10.16 -7.56 -2.63
N TYR B 70 -9.40 -6.49 -2.56
CA TYR B 70 -9.84 -5.20 -2.06
C TYR B 70 -9.99 -4.18 -3.18
N PRO B 71 -10.64 -3.04 -2.95
CA PRO B 71 -10.87 -2.09 -4.10
C PRO B 71 -9.62 -1.39 -4.62
N ASN B 72 -8.50 -1.44 -3.90
CA ASN B 72 -7.23 -0.92 -4.45
C ASN B 72 -6.36 -2.02 -5.11
N GLY B 73 -6.95 -3.22 -5.25
CA GLY B 73 -6.26 -4.36 -5.88
C GLY B 73 -5.54 -5.26 -4.93
N THR B 74 -5.45 -4.85 -3.64
CA THR B 74 -4.70 -5.63 -2.72
C THR B 74 -5.33 -7.01 -2.52
N LEU B 75 -4.50 -8.04 -2.40
CA LEU B 75 -4.97 -9.42 -2.16
C LEU B 75 -4.54 -9.86 -0.73
N LEU B 76 -5.58 -10.34 0.00
CA LEU B 76 -5.31 -10.99 1.31
C LEU B 76 -5.49 -12.48 1.14
N ILE B 77 -4.56 -13.28 1.66
CA ILE B 77 -4.77 -14.72 1.71
C ILE B 77 -4.74 -15.10 3.17
N GLN B 78 -5.86 -15.69 3.62
CA GLN B 78 -5.97 -16.11 5.03
C GLN B 78 -5.63 -17.59 5.20
N ASN B 79 -5.15 -17.91 6.42
CA ASN B 79 -4.88 -19.28 6.78
C ASN B 79 -4.04 -20.01 5.73
N VAL B 80 -2.87 -19.45 5.48
CA VAL B 80 -2.05 -19.93 4.34
C VAL B 80 -1.56 -21.34 4.55
N THR B 81 -1.57 -22.06 3.44
CA THR B 81 -1.00 -23.40 3.30
C THR B 81 0.28 -23.43 2.44
N HIS B 82 1.03 -24.53 2.58
CA HIS B 82 2.23 -24.68 1.79
C HIS B 82 1.92 -24.58 0.28
N ASN B 83 0.77 -25.07 -0.12
CA ASN B 83 0.41 -24.97 -1.52
C ASN B 83 0.19 -23.58 -2.06
N ASP B 84 -0.07 -22.61 -1.18
CA ASP B 84 -0.23 -21.21 -1.55
C ASP B 84 1.09 -20.54 -1.98
N ALA B 85 2.24 -21.10 -1.55
CA ALA B 85 3.55 -20.57 -1.91
C ALA B 85 3.75 -20.53 -3.44
N GLY B 86 4.48 -19.49 -3.79
CA GLY B 86 4.95 -19.38 -5.17
C GLY B 86 4.69 -18.04 -5.74
N ILE B 87 4.33 -18.05 -7.05
CA ILE B 87 4.36 -16.80 -7.82
C ILE B 87 2.94 -16.31 -8.11
N TYR B 88 2.76 -15.00 -8.03
CA TYR B 88 1.49 -14.36 -8.24
C TYR B 88 1.67 -13.19 -9.16
N THR B 89 0.75 -13.06 -10.08
CA THR B 89 0.75 -11.97 -11.06
C THR B 89 -0.55 -11.18 -11.00
N LEU B 90 -0.44 -9.85 -10.98
CA LEU B 90 -1.54 -8.94 -11.04
C LEU B 90 -1.62 -8.35 -12.45
N HIS B 91 -2.79 -8.38 -13.01
CA HIS B 91 -3.12 -7.62 -14.25
C HIS B 91 -3.95 -6.43 -13.82
N VAL B 92 -3.39 -5.26 -14.10
CA VAL B 92 -4.02 -4.02 -13.92
C VAL B 92 -4.68 -3.60 -15.19
N ILE B 93 -5.99 -3.51 -15.16
CA ILE B 93 -6.77 -3.17 -16.34
C ILE B 93 -7.07 -1.70 -16.27
N LYS B 94 -6.57 -0.92 -17.19
CA LYS B 94 -6.83 0.50 -17.28
C LYS B 94 -7.99 0.79 -18.24
N GLU B 95 -8.67 1.92 -18.00
CA GLU B 95 -9.80 2.33 -18.82
C GLU B 95 -9.44 2.43 -20.32
N ASN B 96 -8.20 2.79 -20.63
CA ASN B 96 -7.78 2.85 -22.01
C ASN B 96 -7.14 1.55 -22.49
N LEU B 97 -7.16 0.50 -21.67
CA LEU B 97 -6.59 -0.80 -21.95
C LEU B 97 -5.11 -0.82 -22.22
N VAL B 98 -4.43 0.24 -21.83
CA VAL B 98 -2.99 0.20 -21.80
C VAL B 98 -2.59 -0.43 -20.46
N ASN B 99 -2.64 -1.73 -20.43
CA ASN B 99 -2.57 -2.54 -19.18
C ASN B 99 -1.17 -2.84 -18.71
N GLU B 100 -1.04 -3.30 -17.46
CA GLU B 100 0.23 -3.67 -16.88
C GLU B 100 0.08 -5.01 -16.14
N GLU B 101 1.21 -5.70 -16.05
CA GLU B 101 1.35 -6.97 -15.37
C GLU B 101 2.53 -6.84 -14.42
N VAL B 102 2.30 -7.25 -13.16
CA VAL B 102 3.36 -7.20 -12.18
C VAL B 102 3.32 -8.51 -11.41
N THR B 103 4.48 -9.11 -11.25
CA THR B 103 4.63 -10.47 -10.67
C THR B 103 5.46 -10.36 -9.40
N ARG B 104 4.99 -11.07 -8.33
CA ARG B 104 5.73 -11.17 -7.07
C ARG B 104 5.65 -12.64 -6.64
N GLN B 105 6.22 -12.91 -5.46
CA GLN B 105 6.22 -14.25 -4.88
C GLN B 105 6.24 -14.19 -3.39
N PHE B 106 5.83 -15.27 -2.80
CA PHE B 106 6.06 -15.47 -1.32
C PHE B 106 6.12 -16.93 -1.06
N TYR B 107 6.65 -17.27 0.13
CA TYR B 107 6.82 -18.63 0.47
C TYR B 107 6.33 -18.86 1.91
N VAL B 108 6.10 -20.09 2.19
CA VAL B 108 5.47 -20.52 3.44
C VAL B 108 6.36 -21.52 4.16
N PHE B 109 6.46 -21.34 5.47
CA PHE B 109 7.26 -22.23 6.35
C PHE B 109 6.44 -22.81 7.54
N GLN C 2 6.45 6.00 35.67
CA GLN C 2 7.87 5.61 35.81
C GLN C 2 8.87 6.71 35.36
N THR C 3 8.53 7.53 34.35
CA THR C 3 9.32 8.70 34.12
C THR C 3 8.85 9.79 35.04
N ASN C 4 9.74 10.41 35.84
CA ASN C 4 9.40 11.63 36.64
C ASN C 4 10.01 12.87 36.02
N ILE C 5 9.32 13.99 36.12
CA ILE C 5 9.85 15.23 35.56
C ILE C 5 9.64 16.30 36.58
N ASP C 6 10.73 16.95 36.98
CA ASP C 6 10.66 18.10 37.91
C ASP C 6 10.77 19.43 37.16
N VAL C 7 9.82 20.35 37.42
CA VAL C 7 9.77 21.66 36.80
C VAL C 7 10.50 22.65 37.69
N VAL C 8 11.64 23.15 37.25
CA VAL C 8 12.58 23.93 38.03
C VAL C 8 12.90 25.26 37.35
N PRO C 9 12.27 26.34 37.77
CA PRO C 9 11.17 26.40 38.74
C PRO C 9 9.79 26.36 38.06
N PHE C 10 8.73 26.13 38.85
CA PHE C 10 7.37 26.07 38.35
C PHE C 10 6.82 27.43 37.95
N ASN C 11 7.19 28.46 38.71
CA ASN C 11 6.86 29.86 38.43
C ASN C 11 8.14 30.56 38.07
N VAL C 12 8.16 31.06 36.83
CA VAL C 12 9.38 31.53 36.22
C VAL C 12 9.23 33.03 35.95
N ALA C 13 10.24 33.82 36.32
CA ALA C 13 10.30 35.22 35.89
C ALA C 13 10.58 35.33 34.40
N GLU C 14 9.86 36.22 33.74
CA GLU C 14 10.14 36.53 32.35
C GLU C 14 11.61 36.86 32.19
N GLY C 15 12.24 36.28 31.17
CA GLY C 15 13.60 36.55 30.85
C GLY C 15 14.57 35.63 31.58
N LYS C 16 14.06 34.76 32.45
CA LYS C 16 14.91 33.83 33.19
C LYS C 16 14.88 32.44 32.50
N GLU C 17 15.20 31.35 33.19
CA GLU C 17 15.35 30.07 32.57
C GLU C 17 14.50 29.03 33.31
N VAL C 18 14.07 28.00 32.63
CA VAL C 18 13.34 26.88 33.25
C VAL C 18 13.88 25.58 32.75
N LEU C 19 13.92 24.60 33.63
CA LEU C 19 14.31 23.27 33.38
C LEU C 19 13.18 22.34 33.58
N LEU C 20 12.95 21.46 32.64
CA LEU C 20 12.09 20.31 32.80
C LEU C 20 12.98 19.08 32.96
N VAL C 21 13.27 18.72 34.23
CA VAL C 21 14.31 17.76 34.56
C VAL C 21 13.76 16.34 34.57
N VAL C 22 14.35 15.51 33.70
CA VAL C 22 13.81 14.20 33.43
C VAL C 22 14.62 13.19 34.24
N HIS C 23 13.86 12.36 34.94
CA HIS C 23 14.44 11.23 35.66
C HIS C 23 13.84 9.94 35.12
N ASN C 24 14.67 9.15 34.45
CA ASN C 24 14.20 7.88 33.94
C ASN C 24 15.38 7.00 33.89
N GLU C 25 15.19 5.88 34.58
CA GLU C 25 16.24 4.92 34.93
C GLU C 25 16.35 3.80 33.89
N SER C 26 15.40 3.76 32.95
CA SER C 26 15.29 2.67 31.98
C SER C 26 16.55 2.50 31.19
N GLN C 27 16.84 1.26 30.87
CA GLN C 27 18.03 0.93 30.16
C GLN C 27 17.71 0.61 28.68
N ASN C 28 16.43 0.77 28.28
CA ASN C 28 16.07 0.44 26.88
C ASN C 28 15.48 1.68 26.20
N LEU C 29 16.00 2.86 26.47
CA LEU C 29 15.49 4.08 25.81
C LEU C 29 16.15 4.32 24.47
N TYR C 30 15.32 4.64 23.51
CA TYR C 30 15.80 4.98 22.17
C TYR C 30 16.06 6.49 22.06
N GLY C 31 15.12 7.26 22.64
CA GLY C 31 15.24 8.70 22.64
C GLY C 31 13.96 9.41 23.09
N TYR C 32 13.89 10.67 22.75
CA TYR C 32 12.88 11.55 23.33
C TYR C 32 12.47 12.60 22.31
N ASN C 33 11.26 13.07 22.43
CA ASN C 33 10.83 14.31 21.78
C ASN C 33 9.98 15.12 22.82
N TRP C 34 10.24 16.41 22.82
CA TRP C 34 9.37 17.36 23.52
C TRP C 34 8.41 18.03 22.58
N TYR C 35 7.18 18.31 23.09
CA TYR C 35 6.14 18.98 22.35
C TYR C 35 5.59 20.16 23.15
N LYS C 36 5.15 21.25 22.54
CA LYS C 36 4.38 22.25 23.21
C LYS C 36 2.96 21.82 23.18
N GLY C 37 2.30 21.81 24.33
CA GLY C 37 0.90 21.45 24.43
C GLY C 37 0.74 20.09 25.09
N GLU C 38 -0.48 19.59 25.04
CA GLU C 38 -0.84 18.33 25.67
C GLU C 38 -0.71 17.08 24.83
N ARG C 39 -0.30 17.23 23.55
CA ARG C 39 -0.39 16.14 22.62
C ARG C 39 0.90 15.94 21.84
N VAL C 40 1.15 14.67 21.62
CA VAL C 40 2.25 14.24 20.69
C VAL C 40 1.73 14.49 19.29
N HIS C 41 2.27 15.52 18.64
CA HIS C 41 1.84 15.88 17.24
C HIS C 41 2.98 16.65 16.62
N ALA C 42 3.34 16.23 15.39
CA ALA C 42 4.49 16.81 14.70
C ALA C 42 4.43 18.32 14.59
N ASN C 43 3.23 18.87 14.44
CA ASN C 43 3.08 20.31 14.30
C ASN C 43 3.49 21.15 15.54
N TYR C 44 3.67 20.44 16.67
CA TYR C 44 3.98 21.09 17.95
C TYR C 44 5.28 20.64 18.51
N ARG C 45 6.10 19.90 17.73
CA ARG C 45 7.31 19.39 18.21
C ARG C 45 8.36 20.45 18.40
N ILE C 46 9.07 20.40 19.54
CA ILE C 46 10.09 21.34 19.81
C ILE C 46 11.44 20.81 19.33
N ILE C 47 11.93 19.73 19.98
CA ILE C 47 13.18 19.09 19.70
C ILE C 47 13.20 17.74 20.34
N GLY C 48 14.07 16.87 19.88
CA GLY C 48 14.28 15.60 20.42
C GLY C 48 15.74 15.24 20.48
N TYR C 49 15.99 14.05 21.00
CA TYR C 49 17.33 13.53 21.16
C TYR C 49 17.33 12.08 20.86
N VAL C 50 18.34 11.67 20.05
CA VAL C 50 18.46 10.30 19.66
C VAL C 50 19.67 9.67 20.39
N LYS C 51 19.43 8.70 21.22
CA LYS C 51 20.49 8.16 22.05
C LYS C 51 21.63 7.46 21.33
N ASN C 52 21.35 6.68 20.29
CA ASN C 52 22.34 5.81 19.65
C ASN C 52 23.35 6.60 18.81
N ILE C 53 23.03 7.84 18.46
CA ILE C 53 23.97 8.76 17.81
C ILE C 53 24.40 9.91 18.73
N SER C 54 23.88 9.93 19.96
CA SER C 54 24.19 10.97 20.96
C SER C 54 24.11 12.39 20.39
N GLN C 55 22.96 12.73 19.82
CA GLN C 55 22.72 14.01 19.22
C GLN C 55 21.25 14.38 19.34
N GLU C 56 21.03 15.69 19.42
CA GLU C 56 19.72 16.32 19.25
C GLU C 56 19.35 16.02 17.81
N ASN C 57 18.05 15.84 17.54
CA ASN C 57 17.52 15.85 16.20
C ASN C 57 17.22 17.26 15.71
N ALA C 58 16.62 17.40 14.52
CA ALA C 58 16.33 18.72 13.97
C ALA C 58 15.23 19.41 14.80
N PRO C 59 15.42 20.71 15.06
CA PRO C 59 14.35 21.48 15.68
C PRO C 59 13.02 21.33 14.91
N GLY C 60 11.91 21.24 15.65
CA GLY C 60 10.61 21.15 15.08
C GLY C 60 9.93 22.50 15.00
N PRO C 61 8.68 22.55 14.58
CA PRO C 61 7.93 23.80 14.43
C PRO C 61 7.81 24.64 15.65
N ALA C 62 7.80 24.00 16.82
CA ALA C 62 7.60 24.74 18.08
C ALA C 62 8.93 25.26 18.74
N HIS C 63 10.04 25.00 18.07
CA HIS C 63 11.35 25.48 18.53
C HIS C 63 11.48 26.98 18.27
N ASN C 64 11.90 27.72 19.32
CA ASN C 64 12.08 29.17 19.24
C ASN C 64 13.53 29.65 19.30
N GLY C 65 14.48 28.72 19.25
CA GLY C 65 15.91 29.00 19.28
C GLY C 65 16.47 29.16 20.68
N ARG C 66 15.65 28.94 21.68
CA ARG C 66 16.02 29.12 23.11
C ARG C 66 15.98 27.80 23.91
N GLU C 67 15.73 26.68 23.29
CA GLU C 67 15.50 25.40 23.95
C GLU C 67 16.71 24.47 23.68
N THR C 68 17.24 23.85 24.71
CA THR C 68 18.30 22.88 24.69
C THR C 68 17.82 21.56 25.30
N ILE C 69 18.05 20.43 24.63
CA ILE C 69 17.73 19.12 25.16
C ILE C 69 19.02 18.41 25.51
N TYR C 70 18.95 17.77 26.66
CA TYR C 70 20.06 16.98 27.17
C TYR C 70 19.83 15.48 26.98
N PRO C 71 20.93 14.66 27.15
CA PRO C 71 20.85 13.25 26.79
C PRO C 71 19.91 12.41 27.53
N ASN C 72 19.43 12.92 28.69
CA ASN C 72 18.45 12.20 29.49
C ASN C 72 17.06 12.73 29.28
N GLY C 73 16.95 13.60 28.28
CA GLY C 73 15.63 14.15 27.96
C GLY C 73 15.34 15.50 28.65
N THR C 74 16.19 15.89 29.62
CA THR C 74 16.00 17.20 30.27
C THR C 74 15.91 18.38 29.24
N LEU C 75 14.91 19.23 29.40
CA LEU C 75 14.74 20.45 28.55
C LEU C 75 15.10 21.72 29.26
N LEU C 76 15.96 22.53 28.69
CA LEU C 76 16.30 23.86 29.15
C LEU C 76 15.69 24.93 28.21
N ILE C 77 14.93 25.87 28.76
CA ILE C 77 14.41 27.03 28.03
C ILE C 77 15.01 28.29 28.64
N GLN C 78 15.77 29.04 27.88
CA GLN C 78 16.38 30.26 28.32
C GLN C 78 15.58 31.45 27.85
N ASN C 79 15.85 32.58 28.50
CA ASN C 79 15.21 33.86 28.11
C ASN C 79 13.71 33.71 27.90
N VAL C 80 12.99 33.20 28.91
CA VAL C 80 11.64 32.73 28.73
C VAL C 80 10.75 33.93 28.48
N THR C 81 9.77 33.72 27.61
CA THR C 81 8.75 34.71 27.30
C THR C 81 7.44 34.26 27.83
N HIS C 82 6.47 35.17 27.85
CA HIS C 82 5.13 34.81 28.22
C HIS C 82 4.54 33.76 27.31
N ASN C 83 4.91 33.80 26.03
CA ASN C 83 4.41 32.79 25.07
C ASN C 83 4.92 31.39 25.40
N ASP C 84 6.01 31.28 26.16
CA ASP C 84 6.57 29.95 26.49
C ASP C 84 5.74 29.28 27.57
N ALA C 85 4.97 30.06 28.32
CA ALA C 85 4.20 29.48 29.40
C ALA C 85 3.25 28.45 28.87
N GLY C 86 2.91 27.50 29.70
CA GLY C 86 1.92 26.50 29.42
C GLY C 86 2.38 25.06 29.62
N ILE C 87 1.72 24.20 28.85
CA ILE C 87 1.77 22.75 28.95
C ILE C 87 2.82 22.26 27.96
N TYR C 88 3.63 21.34 28.43
CA TYR C 88 4.70 20.62 27.67
C TYR C 88 4.54 19.14 27.82
N THR C 89 4.77 18.39 26.71
CA THR C 89 4.63 16.99 26.73
C THR C 89 5.92 16.31 26.25
N LEU C 90 6.45 15.35 27.00
CA LEU C 90 7.56 14.54 26.64
C LEU C 90 7.08 13.21 26.14
N HIS C 91 7.62 12.81 24.94
CA HIS C 91 7.39 11.50 24.51
C HIS C 91 8.66 10.69 24.62
N VAL C 92 8.57 9.68 25.51
CA VAL C 92 9.74 8.83 25.79
C VAL C 92 9.61 7.62 24.86
N ILE C 93 10.58 7.53 23.94
CA ILE C 93 10.57 6.45 22.95
C ILE C 93 11.47 5.30 23.40
N LYS C 94 10.87 4.13 23.58
CA LYS C 94 11.57 2.94 24.07
C LYS C 94 12.01 2.09 22.91
N GLU C 95 13.04 1.29 23.09
CA GLU C 95 13.53 0.40 21.99
C GLU C 95 12.48 -0.55 21.46
N ASN C 96 11.57 -0.96 22.34
CA ASN C 96 10.45 -1.80 21.96
C ASN C 96 9.17 -1.05 21.53
N LEU C 97 9.26 0.26 21.41
CA LEU C 97 8.16 1.13 21.04
C LEU C 97 6.94 1.08 21.95
N VAL C 98 7.11 0.55 23.20
CA VAL C 98 6.07 0.71 24.16
C VAL C 98 6.42 2.04 24.88
N ASN C 99 5.97 3.12 24.29
CA ASN C 99 6.39 4.48 24.60
C ASN C 99 5.54 5.11 25.71
N GLU C 100 6.01 6.23 26.22
CA GLU C 100 5.38 6.91 27.36
C GLU C 100 5.24 8.38 27.10
N GLU C 101 4.15 8.94 27.52
CA GLU C 101 3.87 10.35 27.33
C GLU C 101 3.73 10.99 28.73
N VAL C 102 4.42 12.09 28.95
CA VAL C 102 4.40 12.77 30.32
C VAL C 102 4.24 14.24 30.08
N THR C 103 3.31 14.87 30.82
CA THR C 103 2.98 16.25 30.62
C THR C 103 3.24 17.04 31.90
N ARG C 104 3.78 18.23 31.73
CA ARG C 104 4.02 19.18 32.79
C ARG C 104 3.68 20.58 32.35
N GLN C 105 3.68 21.51 33.32
CA GLN C 105 3.40 22.89 33.01
C GLN C 105 4.24 23.86 33.82
N PHE C 106 4.49 25.04 33.29
CA PHE C 106 5.04 26.15 34.08
C PHE C 106 4.35 27.46 33.75
N TYR C 107 4.46 28.38 34.69
CA TYR C 107 3.93 29.73 34.55
C TYR C 107 5.01 30.78 34.46
N VAL C 108 4.73 31.83 33.65
CA VAL C 108 5.68 32.94 33.47
C VAL C 108 5.11 34.29 34.00
N PHE C 109 5.97 35.07 34.70
CA PHE C 109 5.56 36.34 35.38
C PHE C 109 6.42 37.56 34.92
N GLN D 2 -15.19 -19.76 -27.07
CA GLN D 2 -16.28 -18.84 -27.48
C GLN D 2 -15.82 -17.70 -28.43
N THR D 3 -14.57 -17.22 -28.34
CA THR D 3 -14.06 -16.36 -29.45
C THR D 3 -13.40 -17.24 -30.51
N ASN D 4 -13.78 -17.04 -31.78
CA ASN D 4 -13.18 -17.72 -32.90
C ASN D 4 -12.42 -16.72 -33.68
N ILE D 5 -11.28 -17.14 -34.23
CA ILE D 5 -10.46 -16.28 -35.06
C ILE D 5 -10.02 -17.00 -36.32
N ASP D 6 -10.31 -16.41 -37.49
CA ASP D 6 -9.87 -16.95 -38.77
C ASP D 6 -8.68 -16.16 -39.29
N VAL D 7 -7.66 -16.90 -39.68
CA VAL D 7 -6.43 -16.32 -40.18
C VAL D 7 -6.57 -16.34 -41.72
N VAL D 8 -6.63 -15.14 -42.29
CA VAL D 8 -6.94 -14.97 -43.75
C VAL D 8 -5.87 -14.11 -44.41
N PRO D 9 -4.92 -14.75 -45.11
CA PRO D 9 -4.74 -16.20 -45.26
C PRO D 9 -3.74 -16.70 -44.22
N PHE D 10 -3.65 -18.00 -43.98
CA PHE D 10 -2.66 -18.59 -43.06
C PHE D 10 -1.22 -18.53 -43.57
N ASN D 11 -1.08 -18.67 -44.91
CA ASN D 11 0.22 -18.56 -45.58
C ASN D 11 0.16 -17.31 -46.41
N VAL D 12 1.05 -16.39 -46.10
CA VAL D 12 0.96 -15.03 -46.62
C VAL D 12 2.18 -14.74 -47.49
N ALA D 13 2.00 -14.19 -48.70
CA ALA D 13 3.17 -13.75 -49.46
C ALA D 13 3.76 -12.47 -48.82
N GLU D 14 5.09 -12.39 -48.73
CA GLU D 14 5.78 -11.19 -48.34
C GLU D 14 5.28 -9.97 -49.13
N GLY D 15 4.97 -8.90 -48.40
CA GLY D 15 4.42 -7.66 -48.91
C GLY D 15 2.94 -7.61 -49.10
N LYS D 16 2.23 -8.71 -48.84
CA LYS D 16 0.78 -8.69 -49.01
C LYS D 16 0.19 -8.46 -47.60
N GLU D 17 -1.05 -8.88 -47.41
CA GLU D 17 -1.77 -8.48 -46.15
C GLU D 17 -2.31 -9.69 -45.51
N VAL D 18 -2.44 -9.65 -44.15
CA VAL D 18 -3.13 -10.74 -43.48
C VAL D 18 -4.16 -10.16 -42.51
N LEU D 19 -5.26 -10.88 -42.36
CA LEU D 19 -6.33 -10.52 -41.41
C LEU D 19 -6.41 -11.60 -40.42
N LEU D 20 -6.52 -11.18 -39.13
CA LEU D 20 -6.92 -12.11 -38.09
C LEU D 20 -8.35 -11.73 -37.70
N VAL D 21 -9.31 -12.47 -38.25
CA VAL D 21 -10.70 -12.05 -38.25
C VAL D 21 -11.35 -12.63 -36.99
N VAL D 22 -11.92 -11.72 -36.16
CA VAL D 22 -12.46 -12.08 -34.84
C VAL D 22 -13.96 -12.19 -34.89
N HIS D 23 -14.47 -13.31 -34.37
CA HIS D 23 -15.89 -13.59 -34.22
C HIS D 23 -16.21 -13.76 -32.76
N ASN D 24 -16.96 -12.83 -32.22
CA ASN D 24 -17.41 -12.96 -30.85
C ASN D 24 -18.61 -12.15 -30.74
N GLU D 25 -19.70 -12.85 -30.45
CA GLU D 25 -21.05 -12.27 -30.39
C GLU D 25 -21.39 -11.69 -29.04
N SER D 26 -20.49 -11.86 -28.07
CA SER D 26 -20.75 -11.40 -26.68
C SER D 26 -21.20 -9.96 -26.65
N GLN D 27 -22.19 -9.69 -25.84
CA GLN D 27 -22.65 -8.31 -25.65
C GLN D 27 -22.15 -7.67 -24.32
N ASN D 28 -21.21 -8.34 -23.64
CA ASN D 28 -20.51 -7.71 -22.53
C ASN D 28 -19.04 -7.42 -22.76
N LEU D 29 -18.61 -7.05 -23.97
CA LEU D 29 -17.18 -6.80 -24.22
C LEU D 29 -16.78 -5.37 -23.94
N TYR D 30 -15.66 -5.23 -23.24
CA TYR D 30 -15.07 -3.91 -22.92
C TYR D 30 -14.08 -3.50 -24.02
N GLY D 31 -13.28 -4.45 -24.47
CA GLY D 31 -12.30 -4.17 -25.52
C GLY D 31 -11.33 -5.30 -25.69
N TYR D 32 -10.28 -4.98 -26.49
CA TYR D 32 -9.33 -5.97 -26.91
C TYR D 32 -7.94 -5.41 -26.91
N ASN D 33 -6.97 -6.27 -26.77
CA ASN D 33 -5.59 -5.96 -27.07
C ASN D 33 -5.00 -7.16 -27.83
N TRP D 34 -4.20 -6.82 -28.86
CA TRP D 34 -3.38 -7.81 -29.50
C TRP D 34 -1.96 -7.75 -29.08
N TYR D 35 -1.34 -8.93 -29.01
CA TYR D 35 0.03 -9.11 -28.65
C TYR D 35 0.78 -9.96 -29.70
N LYS D 36 2.07 -9.68 -29.82
CA LYS D 36 2.93 -10.56 -30.64
C LYS D 36 3.47 -11.62 -29.70
N GLY D 37 3.31 -12.88 -30.06
CA GLY D 37 3.79 -13.97 -29.28
C GLY D 37 2.62 -14.61 -28.55
N GLU D 38 2.98 -15.53 -27.65
CA GLU D 38 2.05 -16.41 -26.96
C GLU D 38 1.45 -15.88 -25.66
N ARG D 39 1.91 -14.69 -25.21
CA ARG D 39 1.63 -14.23 -23.85
C ARG D 39 1.07 -12.81 -23.89
N VAL D 40 0.12 -12.59 -22.97
CA VAL D 40 -0.32 -11.27 -22.66
C VAL D 40 0.73 -10.64 -21.81
N HIS D 41 1.42 -9.65 -22.32
CA HIS D 41 2.49 -8.92 -21.67
C HIS D 41 2.71 -7.60 -22.32
N ALA D 42 2.70 -6.51 -21.59
CA ALA D 42 2.82 -5.13 -22.13
C ALA D 42 3.97 -4.91 -23.07
N ASN D 43 5.10 -5.56 -22.83
CA ASN D 43 6.27 -5.41 -23.72
C ASN D 43 6.04 -5.91 -25.15
N TYR D 44 4.99 -6.70 -25.35
CA TYR D 44 4.66 -7.30 -26.66
C TYR D 44 3.35 -6.81 -27.21
N ARG D 45 2.75 -5.74 -26.65
CA ARG D 45 1.48 -5.35 -27.06
C ARG D 45 1.64 -4.64 -28.44
N ILE D 46 0.68 -4.94 -29.30
CA ILE D 46 0.68 -4.28 -30.63
C ILE D 46 -0.27 -3.06 -30.59
N ILE D 47 -1.55 -3.29 -30.30
CA ILE D 47 -2.56 -2.25 -30.28
C ILE D 47 -3.85 -2.89 -29.76
N GLY D 48 -4.75 -2.05 -29.29
CA GLY D 48 -6.04 -2.46 -28.74
C GLY D 48 -7.14 -1.54 -29.15
N TYR D 49 -8.34 -1.87 -28.68
CA TYR D 49 -9.51 -1.11 -29.03
C TYR D 49 -10.40 -1.07 -27.83
N VAL D 50 -10.91 0.13 -27.58
CA VAL D 50 -11.77 0.38 -26.38
C VAL D 50 -13.21 0.66 -26.89
N LYS D 51 -14.14 -0.23 -26.58
CA LYS D 51 -15.47 -0.15 -27.19
C LYS D 51 -16.26 1.06 -26.78
N ASN D 52 -16.20 1.46 -25.51
CA ASN D 52 -17.06 2.55 -25.01
C ASN D 52 -16.69 3.96 -25.50
N ILE D 53 -15.48 4.12 -26.03
CA ILE D 53 -15.08 5.34 -26.73
C ILE D 53 -14.94 5.14 -28.27
N SER D 54 -15.22 3.94 -28.74
CA SER D 54 -15.08 3.61 -30.17
C SER D 54 -13.77 4.08 -30.79
N GLN D 55 -12.66 3.73 -30.17
CA GLN D 55 -11.33 4.11 -30.62
C GLN D 55 -10.30 3.07 -30.31
N GLU D 56 -9.30 3.05 -31.18
CA GLU D 56 -8.05 2.34 -30.94
C GLU D 56 -7.38 3.01 -29.75
N ASN D 57 -6.65 2.24 -28.95
CA ASN D 57 -5.77 2.85 -27.94
C ASN D 57 -4.39 3.12 -28.51
N ALA D 58 -3.47 3.58 -27.69
CA ALA D 58 -2.13 3.91 -28.18
C ALA D 58 -1.40 2.65 -28.67
N PRO D 59 -0.64 2.79 -29.76
CA PRO D 59 0.17 1.69 -30.22
C PRO D 59 1.12 1.25 -29.09
N GLY D 60 1.34 -0.07 -28.99
CA GLY D 60 2.33 -0.64 -28.07
C GLY D 60 3.70 -0.82 -28.67
N PRO D 61 4.59 -1.40 -27.90
CA PRO D 61 5.98 -1.62 -28.35
C PRO D 61 6.07 -2.52 -29.55
N ALA D 62 5.12 -3.43 -29.77
CA ALA D 62 5.19 -4.37 -30.90
C ALA D 62 4.51 -3.83 -32.17
N HIS D 63 4.01 -2.60 -32.15
CA HIS D 63 3.36 -1.97 -33.32
C HIS D 63 4.50 -1.55 -34.23
N ASN D 64 4.29 -1.77 -35.54
CA ASN D 64 5.31 -1.52 -36.55
C ASN D 64 4.83 -0.47 -37.58
N GLY D 65 3.65 0.09 -37.35
CA GLY D 65 3.05 1.07 -38.22
C GLY D 65 2.25 0.48 -39.34
N ARG D 66 2.10 -0.84 -39.36
CA ARG D 66 1.37 -1.49 -40.43
C ARG D 66 0.09 -2.23 -40.03
N GLU D 67 -0.30 -2.08 -38.76
CA GLU D 67 -1.36 -2.86 -38.19
C GLU D 67 -2.56 -1.97 -37.94
N THR D 68 -3.74 -2.43 -38.30
CA THR D 68 -5.02 -1.73 -38.02
C THR D 68 -5.94 -2.65 -37.23
N ILE D 69 -6.53 -2.11 -36.15
CA ILE D 69 -7.51 -2.90 -35.40
C ILE D 69 -8.91 -2.32 -35.64
N TYR D 70 -9.85 -3.26 -35.80
CA TYR D 70 -11.26 -2.93 -36.06
C TYR D 70 -12.10 -3.15 -34.80
N PRO D 71 -13.32 -2.61 -34.85
CA PRO D 71 -14.08 -2.55 -33.59
C PRO D 71 -14.53 -3.87 -33.03
N ASN D 72 -14.46 -4.92 -33.81
CA ASN D 72 -14.71 -6.26 -33.37
C ASN D 72 -13.44 -6.99 -33.00
N GLY D 73 -12.34 -6.27 -32.93
CA GLY D 73 -11.08 -6.87 -32.63
C GLY D 73 -10.26 -7.47 -33.82
N THR D 74 -10.87 -7.50 -35.02
CA THR D 74 -10.08 -7.98 -36.18
C THR D 74 -8.81 -7.16 -36.34
N LEU D 75 -7.69 -7.85 -36.64
CA LEU D 75 -6.44 -7.21 -36.89
C LEU D 75 -6.05 -7.33 -38.39
N LEU D 76 -5.63 -6.22 -38.95
CA LEU D 76 -5.14 -6.21 -40.36
C LEU D 76 -3.67 -5.86 -40.26
N ILE D 77 -2.81 -6.64 -40.94
CA ILE D 77 -1.42 -6.28 -41.03
C ILE D 77 -1.13 -6.17 -42.56
N GLN D 78 -0.72 -4.99 -42.94
CA GLN D 78 -0.37 -4.73 -44.35
C GLN D 78 1.11 -4.79 -44.61
N ASN D 79 1.48 -4.98 -45.88
CA ASN D 79 2.90 -5.02 -46.30
C ASN D 79 3.72 -5.91 -45.38
N VAL D 80 3.27 -7.14 -45.24
CA VAL D 80 3.85 -8.03 -44.29
C VAL D 80 5.29 -8.31 -44.57
N THR D 81 6.06 -8.47 -43.51
CA THR D 81 7.48 -8.77 -43.60
C THR D 81 7.67 -10.15 -43.01
N HIS D 82 8.84 -10.72 -43.22
CA HIS D 82 9.15 -11.99 -42.56
C HIS D 82 9.13 -11.91 -41.06
N ASN D 83 9.49 -10.76 -40.48
CA ASN D 83 9.55 -10.62 -39.00
C ASN D 83 8.14 -10.67 -38.41
N ASP D 84 7.15 -10.41 -39.23
CA ASP D 84 5.72 -10.46 -38.79
C ASP D 84 5.22 -11.85 -38.57
N ALA D 85 5.85 -12.82 -39.23
CA ALA D 85 5.44 -14.20 -39.10
C ALA D 85 5.48 -14.58 -37.64
N GLY D 86 4.57 -15.47 -37.29
CA GLY D 86 4.64 -16.08 -35.99
C GLY D 86 3.25 -16.05 -35.32
N ILE D 87 3.36 -16.08 -33.98
CA ILE D 87 2.21 -16.30 -33.12
C ILE D 87 1.72 -14.94 -32.63
N TYR D 88 0.41 -14.83 -32.57
CA TYR D 88 -0.28 -13.62 -32.09
C TYR D 88 -1.34 -14.02 -31.10
N THR D 89 -1.45 -13.21 -30.03
CA THR D 89 -2.47 -13.48 -28.98
C THR D 89 -3.41 -12.28 -28.81
N LEU D 90 -4.69 -12.57 -28.85
CA LEU D 90 -5.72 -11.59 -28.58
C LEU D 90 -6.16 -11.77 -27.08
N HIS D 91 -6.17 -10.62 -26.41
CA HIS D 91 -6.85 -10.57 -25.06
C HIS D 91 -8.20 -9.89 -25.25
N VAL D 92 -9.24 -10.65 -24.97
CA VAL D 92 -10.63 -10.18 -25.01
C VAL D 92 -11.01 -9.77 -23.56
N ILE D 93 -11.17 -8.47 -23.43
CA ILE D 93 -11.49 -7.87 -22.10
C ILE D 93 -13.00 -7.72 -21.95
N LYS D 94 -13.55 -8.40 -20.96
CA LYS D 94 -14.98 -8.40 -20.69
C LYS D 94 -15.33 -7.40 -19.64
N GLU D 95 -16.56 -6.92 -19.66
CA GLU D 95 -16.98 -5.93 -18.66
C GLU D 95 -16.83 -6.44 -17.23
N ASN D 96 -17.02 -7.73 -17.01
CA ASN D 96 -16.84 -8.31 -15.69
C ASN D 96 -15.40 -8.78 -15.36
N LEU D 97 -14.50 -8.56 -16.33
CA LEU D 97 -13.10 -8.97 -16.24
C LEU D 97 -12.83 -10.46 -16.20
N VAL D 98 -13.80 -11.28 -16.56
CA VAL D 98 -13.52 -12.67 -16.77
C VAL D 98 -13.06 -12.79 -18.25
N ASN D 99 -11.79 -12.49 -18.44
CA ASN D 99 -11.23 -12.25 -19.81
C ASN D 99 -10.85 -13.57 -20.48
N GLU D 100 -10.51 -13.44 -21.77
CA GLU D 100 -10.20 -14.64 -22.58
C GLU D 100 -8.96 -14.31 -23.40
N GLU D 101 -8.14 -15.31 -23.62
CA GLU D 101 -6.88 -15.19 -24.41
C GLU D 101 -6.97 -16.21 -25.55
N VAL D 102 -6.73 -15.75 -26.76
CA VAL D 102 -6.85 -16.63 -27.95
C VAL D 102 -5.60 -16.41 -28.81
N THR D 103 -5.00 -17.51 -29.25
CA THR D 103 -3.70 -17.44 -29.95
C THR D 103 -3.86 -18.06 -31.33
N ARG D 104 -3.19 -17.43 -32.28
CA ARG D 104 -3.21 -17.90 -33.68
C ARG D 104 -1.84 -17.64 -34.25
N GLN D 105 -1.64 -18.11 -35.49
CA GLN D 105 -0.33 -17.95 -36.14
C GLN D 105 -0.49 -17.82 -37.66
N PHE D 106 0.49 -17.18 -38.25
CA PHE D 106 0.60 -17.22 -39.69
C PHE D 106 2.05 -17.29 -40.12
N TYR D 107 2.22 -17.67 -41.42
CA TYR D 107 3.56 -17.87 -42.00
C TYR D 107 3.75 -16.93 -43.14
N VAL D 108 4.99 -16.51 -43.35
CA VAL D 108 5.29 -15.55 -44.44
C VAL D 108 6.33 -16.13 -45.39
N PHE D 109 6.01 -15.99 -46.70
CA PHE D 109 6.86 -16.55 -47.76
C PHE D 109 7.44 -15.50 -48.74
CL CL E . -13.03 6.19 17.59
CL CL F . 3.89 -20.80 -8.55
CL CL G . -3.31 -20.39 -36.46
#